data_9S71
#
_entry.id   9S71
#
_cell.length_a   78.100
_cell.length_b   78.100
_cell.length_c   81.889
_cell.angle_alpha   90.000
_cell.angle_beta   90.000
_cell.angle_gamma   120.000
#
_symmetry.space_group_name_H-M   'P 32 2 1'
#
loop_
_entity.id
_entity.type
_entity.pdbx_description
1 polymer 'Retinoic acid receptor RXR-alpha'
2 polymer 'Nuclear receptor coactivator 1'
3 non-polymer '3-[[4-(4,4-dimethyl-2,3-dihydroquinolin-1-yl)-6-(trifluoromethyl)pyrimidin-2-yl]amino]propanoic acid'
4 water water
#
loop_
_entity_poly.entity_id
_entity_poly.type
_entity_poly.pdbx_seq_one_letter_code
_entity_poly.pdbx_strand_id
1 'polypeptide(L)'
;SDMPVERILEAELAVEPKTETYVEANMGLNPSSPNDPVTNICQAADKQLFTLVEWAKRIPHFSELPLDDQVILLRAGWNE
LLIASFSHRSIAVKDGILLATGLHVHRNSAHSAGVGAIFDRVLTELVSKMRDMQMDKTELGCLRAIVLFNPDSKGLSNPA
EVEALREKVYASLEAYCKHKYPEQPGRFAKLLLRLPALRSIGLKCLEHLFFFKLIGDTPIDTFLMEMLEAPHQMT
;
A
2 'polypeptide(L)' HSSLTERHKILHRLLQEGSPS B
#
loop_
_chem_comp.id
_chem_comp.type
_chem_comp.name
_chem_comp.formula
A1JL8 non-polymer '3-[[4-(4,4-dimethyl-2,3-dihydroquinolin-1-yl)-6-(trifluoromethyl)pyrimidin-2-yl]amino]propanoic acid' 'C19 H21 F3 N4 O2'
#
# COMPACT_ATOMS: atom_id res chain seq x y z
N ASP A 2 -16.97 14.85 1.54
CA ASP A 2 -15.76 15.70 1.59
C ASP A 2 -14.45 14.89 1.81
N MET A 3 -13.37 15.28 1.13
CA MET A 3 -12.17 14.44 1.06
C MET A 3 -10.94 15.32 0.85
N PRO A 4 -10.48 15.99 1.91
CA PRO A 4 -9.40 16.98 1.73
C PRO A 4 -8.03 16.32 1.64
N VAL A 5 -7.22 16.75 0.65
CA VAL A 5 -5.87 16.15 0.48
C VAL A 5 -5.01 16.43 1.70
N GLU A 6 -5.29 17.52 2.40
CA GLU A 6 -4.57 17.80 3.64
C GLU A 6 -4.68 16.65 4.63
N ARG A 7 -5.88 16.07 4.77
CA ARG A 7 -6.05 15.01 5.74
C ARG A 7 -5.42 13.72 5.25
N ILE A 8 -5.37 13.54 3.92
CA ILE A 8 -4.69 12.38 3.36
C ILE A 8 -3.18 12.47 3.57
N LEU A 9 -2.60 13.66 3.35
CA LEU A 9 -1.19 13.86 3.68
C LEU A 9 -0.94 13.71 5.17
N GLU A 10 -1.87 14.19 6.01
CA GLU A 10 -1.68 14.05 7.45
C GLU A 10 -1.60 12.59 7.84
N ALA A 11 -2.38 11.75 7.15
CA ALA A 11 -2.39 10.32 7.44
C ALA A 11 -1.04 9.71 7.09
N GLU A 12 -0.46 10.12 5.96
CA GLU A 12 0.87 9.66 5.58
C GLU A 12 1.91 10.05 6.63
N LEU A 13 1.98 11.34 6.96
CA LEU A 13 3.02 11.83 7.86
C LEU A 13 2.86 11.30 9.29
N ALA A 14 1.67 10.87 9.66
CA ALA A 14 1.45 10.36 11.02
C ALA A 14 2.02 8.96 11.21
N VAL A 15 2.07 8.17 10.14
CA VAL A 15 2.64 6.84 10.20
C VAL A 15 4.00 6.84 9.51
N ASP A 36 18.76 -13.53 6.89
CA ASP A 36 17.85 -14.23 5.98
C ASP A 36 16.73 -13.34 5.44
N PRO A 37 16.70 -13.14 4.11
CA PRO A 37 15.75 -12.16 3.56
C PRO A 37 14.29 -12.48 3.83
N VAL A 38 13.89 -13.75 3.76
CA VAL A 38 12.48 -14.09 3.97
C VAL A 38 12.02 -13.63 5.34
N THR A 39 12.80 -13.95 6.37
CA THR A 39 12.42 -13.54 7.72
C THR A 39 12.38 -12.01 7.85
N ASN A 40 13.36 -11.32 7.25
CA ASN A 40 13.38 -9.86 7.26
C ASN A 40 12.14 -9.29 6.59
N ILE A 41 11.76 -9.84 5.43
CA ILE A 41 10.56 -9.38 4.74
C ILE A 41 9.32 -9.64 5.58
N CYS A 42 9.21 -10.84 6.17
CA CYS A 42 8.02 -11.17 6.94
C CYS A 42 7.91 -10.32 8.20
N GLN A 43 9.01 -10.18 8.93
CA GLN A 43 9.01 -9.31 10.10
C GLN A 43 8.63 -7.90 9.71
N ALA A 44 9.15 -7.39 8.59
CA ALA A 44 8.83 -6.03 8.18
C ALA A 44 7.37 -5.89 7.78
N ALA A 45 6.81 -6.90 7.11
CA ALA A 45 5.41 -6.79 6.71
C ALA A 45 4.49 -6.85 7.92
N ASP A 46 4.81 -7.73 8.89
CA ASP A 46 3.97 -7.84 10.09
C ASP A 46 3.92 -6.53 10.84
N LYS A 47 5.07 -5.88 11.01
CA LYS A 47 5.12 -4.56 11.63
C LYS A 47 4.22 -3.57 10.91
N GLN A 48 4.38 -3.43 9.60
CA GLN A 48 3.65 -2.41 8.83
C GLN A 48 2.14 -2.71 8.69
N LEU A 49 1.72 -3.94 8.95
CA LEU A 49 0.28 -4.21 8.92
C LEU A 49 -0.41 -3.53 10.09
N PHE A 50 0.22 -3.48 11.27
CA PHE A 50 -0.39 -2.78 12.39
C PHE A 50 -0.48 -1.29 12.10
N THR A 51 0.58 -0.74 11.50
CA THR A 51 0.60 0.66 11.08
C THR A 51 -0.42 0.95 9.97
N LEU A 52 -0.64 0.00 9.07
CA LEU A 52 -1.55 0.24 7.95
C LEU A 52 -3.00 0.41 8.45
N VAL A 53 -3.38 -0.33 9.50
CA VAL A 53 -4.72 -0.14 10.07
C VAL A 53 -4.87 1.26 10.67
N GLU A 54 -3.83 1.75 11.36
CA GLU A 54 -3.89 3.10 11.89
C GLU A 54 -3.91 4.15 10.76
N TRP A 55 -3.22 3.91 9.65
CA TRP A 55 -3.33 4.81 8.51
C TRP A 55 -4.74 4.84 7.95
N ALA A 56 -5.36 3.66 7.80
CA ALA A 56 -6.65 3.59 7.12
C ALA A 56 -7.71 4.36 7.89
N LYS A 57 -7.68 4.28 9.23
CA LYS A 57 -8.58 5.05 10.08
C LYS A 57 -8.39 6.57 9.97
N ARG A 58 -7.20 7.01 9.56
CA ARG A 58 -7.02 8.45 9.38
C ARG A 58 -7.49 8.94 8.01
N ILE A 59 -7.85 8.03 7.10
CA ILE A 59 -8.37 8.44 5.79
C ILE A 59 -9.83 8.85 5.96
N PRO A 60 -10.22 10.05 5.53
CA PRO A 60 -11.60 10.51 5.71
C PRO A 60 -12.65 9.48 5.30
N HIS A 61 -13.59 9.22 6.22
CA HIS A 61 -14.80 8.41 6.04
C HIS A 61 -14.53 6.91 5.93
N PHE A 62 -13.27 6.46 5.92
CA PHE A 62 -13.05 5.03 5.97
C PHE A 62 -13.71 4.40 7.20
N SER A 63 -13.54 5.01 8.37
CA SER A 63 -14.07 4.36 9.56
C SER A 63 -15.58 4.48 9.65
N GLU A 64 -16.20 5.25 8.78
CA GLU A 64 -17.65 5.31 8.74
C GLU A 64 -18.26 4.21 7.88
N LEU A 65 -17.45 3.44 7.14
CA LEU A 65 -17.99 2.31 6.41
C LEU A 65 -18.38 1.24 7.40
N PRO A 66 -19.25 0.30 7.00
CA PRO A 66 -19.52 -0.85 7.87
C PRO A 66 -18.23 -1.57 8.22
N LEU A 67 -18.17 -2.08 9.45
CA LEU A 67 -16.94 -2.69 9.92
C LEU A 67 -16.54 -3.87 9.03
N ASP A 68 -17.51 -4.70 8.65
CA ASP A 68 -17.17 -5.81 7.74
C ASP A 68 -16.66 -5.30 6.39
N ASP A 69 -17.09 -4.12 5.93
CA ASP A 69 -16.51 -3.62 4.66
C ASP A 69 -15.11 -3.08 4.86
N GLN A 70 -14.82 -2.51 6.03
CA GLN A 70 -13.46 -2.09 6.34
C GLN A 70 -12.52 -3.29 6.31
N VAL A 71 -12.96 -4.42 6.87
CA VAL A 71 -12.19 -5.66 6.82
C VAL A 71 -11.95 -6.10 5.38
N ILE A 72 -13.00 -6.06 4.55
CA ILE A 72 -12.86 -6.50 3.16
C ILE A 72 -11.86 -5.63 2.40
N LEU A 73 -11.93 -4.32 2.57
CA LEU A 73 -11.04 -3.44 1.83
C LEU A 73 -9.58 -3.65 2.24
N LEU A 74 -9.30 -3.84 3.52
CA LEU A 74 -7.91 -3.97 3.92
C LEU A 74 -7.37 -5.35 3.54
N ARG A 75 -8.20 -6.39 3.56
CA ARG A 75 -7.75 -7.69 3.07
C ARG A 75 -7.45 -7.65 1.56
N ALA A 76 -8.23 -6.87 0.81
CA ALA A 76 -8.01 -6.81 -0.64
C ALA A 76 -6.80 -5.95 -1.01
N GLY A 77 -6.44 -4.98 -0.19
CA GLY A 77 -5.44 -4.05 -0.68
C GLY A 77 -4.15 -3.97 0.11
N TRP A 78 -4.04 -4.71 1.23
CA TRP A 78 -2.92 -4.50 2.16
C TRP A 78 -1.56 -4.61 1.45
N ASN A 79 -1.39 -5.64 0.61
CA ASN A 79 -0.07 -5.85 0.02
C ASN A 79 0.27 -4.75 -1.00
N GLU A 80 -0.70 -4.28 -1.79
CA GLU A 80 -0.45 -3.12 -2.67
C GLU A 80 -0.13 -1.88 -1.86
N LEU A 81 -0.85 -1.66 -0.75
CA LEU A 81 -0.62 -0.48 0.05
C LEU A 81 0.78 -0.47 0.65
N LEU A 82 1.27 -1.64 1.11
CA LEU A 82 2.64 -1.70 1.63
C LEU A 82 3.69 -1.54 0.53
N ILE A 83 3.43 -2.11 -0.64
CA ILE A 83 4.38 -2.00 -1.75
C ILE A 83 4.53 -0.56 -2.23
N ALA A 84 3.41 0.16 -2.35
CA ALA A 84 3.50 1.58 -2.69
C ALA A 84 4.38 2.34 -1.73
N SER A 85 4.23 2.07 -0.42
CA SER A 85 4.99 2.81 0.59
C SER A 85 6.48 2.47 0.55
N PHE A 86 6.84 1.18 0.47
CA PHE A 86 8.27 0.91 0.48
C PHE A 86 8.90 1.32 -0.85
N SER A 87 8.12 1.33 -1.92
CA SER A 87 8.65 1.86 -3.20
C SER A 87 8.96 3.35 -3.08
N HIS A 88 8.06 4.13 -2.49
CA HIS A 88 8.32 5.57 -2.37
C HIS A 88 9.47 5.85 -1.39
N ARG A 89 9.49 5.13 -0.26
CA ARG A 89 10.60 5.19 0.68
C ARG A 89 11.95 4.91 0.00
N SER A 90 11.97 4.11 -1.06
CA SER A 90 13.25 3.64 -1.62
C SER A 90 13.78 4.49 -2.75
N ILE A 91 13.12 5.61 -3.07
CA ILE A 91 13.61 6.41 -4.21
C ILE A 91 15.03 6.94 -4.00
N ALA A 92 15.50 7.06 -2.77
CA ALA A 92 16.87 7.54 -2.59
C ALA A 92 17.86 6.41 -2.37
N VAL A 93 17.41 5.16 -2.29
CA VAL A 93 18.32 4.04 -2.10
C VAL A 93 18.91 3.62 -3.43
N LYS A 94 20.21 3.30 -3.44
CA LYS A 94 20.86 2.86 -4.68
C LYS A 94 20.60 1.37 -4.89
N ASP A 95 19.83 1.05 -5.94
CA ASP A 95 19.60 -0.34 -6.40
C ASP A 95 19.15 -1.27 -5.27
N GLY A 96 18.17 -0.82 -4.48
CA GLY A 96 17.69 -1.63 -3.38
C GLY A 96 16.37 -1.12 -2.85
N ILE A 97 15.80 -1.88 -1.91
CA ILE A 97 14.54 -1.54 -1.27
C ILE A 97 14.80 -1.35 0.22
N LEU A 98 14.35 -0.23 0.76
CA LEU A 98 14.44 0.06 2.19
C LEU A 98 13.16 -0.42 2.87
N LEU A 99 13.28 -1.46 3.70
CA LEU A 99 12.16 -1.97 4.48
C LEU A 99 11.88 -1.06 5.67
N ALA A 100 10.65 -1.13 6.18
CA ALA A 100 10.28 -0.27 7.30
C ALA A 100 11.07 -0.59 8.57
N THR A 101 11.64 -1.78 8.67
CA THR A 101 12.52 -2.06 9.82
C THR A 101 13.87 -1.35 9.72
N GLY A 102 14.15 -0.65 8.63
CA GLY A 102 15.47 -0.11 8.42
C GLY A 102 16.43 -1.04 7.71
N LEU A 103 16.05 -2.29 7.49
CA LEU A 103 16.90 -3.23 6.78
C LEU A 103 16.70 -3.06 5.29
N HIS A 104 17.72 -3.41 4.52
CA HIS A 104 17.66 -3.26 3.07
C HIS A 104 17.52 -4.63 2.42
N VAL A 105 16.90 -4.62 1.24
CA VAL A 105 16.90 -5.75 0.34
C VAL A 105 17.63 -5.31 -0.93
N HIS A 106 18.72 -6.01 -1.25
CA HIS A 106 19.49 -5.78 -2.47
C HIS A 106 19.35 -6.99 -3.36
N ARG A 107 19.97 -6.93 -4.54
CA ARG A 107 19.63 -7.92 -5.56
C ARG A 107 20.08 -9.31 -5.15
N ASN A 108 21.31 -9.42 -4.59
CA ASN A 108 21.80 -10.72 -4.15
C ASN A 108 20.78 -11.42 -3.26
N SER A 109 20.35 -10.76 -2.20
CA SER A 109 19.44 -11.43 -1.28
C SER A 109 18.08 -11.69 -1.90
N ALA A 110 17.59 -10.79 -2.77
CA ALA A 110 16.35 -11.09 -3.49
C ALA A 110 16.47 -12.38 -4.31
N HIS A 111 17.58 -12.57 -5.02
CA HIS A 111 17.76 -13.82 -5.77
C HIS A 111 17.81 -15.03 -4.84
N SER A 112 18.47 -14.88 -3.68
CA SER A 112 18.54 -16.01 -2.75
C SER A 112 17.17 -16.34 -2.15
N ALA A 113 16.26 -15.36 -2.07
CA ALA A 113 14.87 -15.65 -1.74
C ALA A 113 14.04 -16.08 -2.94
N GLY A 114 14.60 -16.15 -4.14
CA GLY A 114 13.82 -16.52 -5.29
C GLY A 114 12.92 -15.45 -5.85
N VAL A 115 13.15 -14.19 -5.50
CA VAL A 115 12.24 -13.10 -5.89
C VAL A 115 12.99 -12.03 -6.65
N GLY A 116 14.06 -12.45 -7.37
CA GLY A 116 14.89 -11.50 -8.10
C GLY A 116 14.14 -10.78 -9.20
N ALA A 117 13.30 -11.51 -9.94
CA ALA A 117 12.58 -10.90 -11.04
C ALA A 117 11.54 -9.91 -10.55
N ILE A 118 10.84 -10.20 -9.47
CA ILE A 118 9.87 -9.22 -9.00
C ILE A 118 10.58 -8.02 -8.36
N PHE A 119 11.76 -8.25 -7.78
CA PHE A 119 12.58 -7.14 -7.27
C PHE A 119 12.93 -6.17 -8.39
N ASP A 120 13.34 -6.70 -9.55
CA ASP A 120 13.70 -5.85 -10.68
C ASP A 120 12.51 -5.04 -11.15
N ARG A 121 11.32 -5.65 -11.14
CA ARG A 121 10.10 -4.98 -11.55
C ARG A 121 9.70 -3.87 -10.59
N VAL A 122 9.92 -4.06 -9.28
CA VAL A 122 9.68 -2.95 -8.34
C VAL A 122 10.58 -1.77 -8.69
N LEU A 123 11.87 -2.04 -8.94
CA LEU A 123 12.81 -0.96 -9.26
C LEU A 123 12.43 -0.27 -10.56
N THR A 124 12.11 -1.03 -11.60
CA THR A 124 11.94 -0.42 -12.92
C THR A 124 10.54 0.17 -13.10
N GLU A 125 9.53 -0.39 -12.42
CA GLU A 125 8.15 0.03 -12.66
C GLU A 125 7.63 0.98 -11.60
N LEU A 126 8.21 0.99 -10.41
CA LEU A 126 7.68 1.75 -9.29
C LEU A 126 8.74 2.73 -8.79
N VAL A 127 9.84 2.26 -8.19
CA VAL A 127 10.81 3.17 -7.56
C VAL A 127 11.38 4.17 -8.59
N SER A 128 11.92 3.65 -9.71
CA SER A 128 12.58 4.53 -10.67
C SER A 128 11.60 5.55 -11.25
N LYS A 129 10.33 5.16 -11.41
CA LYS A 129 9.34 6.03 -12.02
C LYS A 129 8.81 7.05 -11.01
N MET A 130 8.68 6.64 -9.73
CA MET A 130 8.41 7.60 -8.67
C MET A 130 9.54 8.62 -8.55
N ARG A 131 10.79 8.14 -8.63
CA ARG A 131 11.92 9.06 -8.59
C ARG A 131 11.90 10.02 -9.77
N ASP A 132 11.72 9.48 -10.98
CA ASP A 132 11.79 10.30 -12.19
C ASP A 132 10.89 11.51 -12.09
N MET A 133 9.65 11.30 -11.65
CA MET A 133 8.64 12.36 -11.63
C MET A 133 8.57 13.06 -10.29
N GLN A 134 9.44 12.71 -9.34
CA GLN A 134 9.43 13.24 -7.98
C GLN A 134 8.02 13.22 -7.39
N MET A 135 7.36 12.07 -7.48
CA MET A 135 6.07 11.89 -6.82
C MET A 135 6.16 12.36 -5.37
N ASP A 136 5.22 13.21 -4.93
CA ASP A 136 5.35 13.72 -3.58
C ASP A 136 4.44 12.93 -2.63
N LYS A 137 4.43 13.32 -1.36
CA LYS A 137 3.77 12.50 -0.35
C LYS A 137 2.27 12.65 -0.38
N THR A 138 1.77 13.81 -0.82
CA THR A 138 0.34 13.96 -1.03
C THR A 138 -0.15 13.05 -2.15
N GLU A 139 0.60 13.03 -3.26
CA GLU A 139 0.25 12.14 -4.38
C GLU A 139 0.30 10.68 -3.97
N LEU A 140 1.35 10.28 -3.25
CA LEU A 140 1.40 8.90 -2.75
C LEU A 140 0.19 8.60 -1.88
N GLY A 141 -0.13 9.49 -0.93
CA GLY A 141 -1.26 9.24 -0.07
C GLY A 141 -2.55 9.05 -0.83
N CYS A 142 -2.73 9.82 -1.91
CA CYS A 142 -3.97 9.76 -2.68
C CYS A 142 -4.04 8.48 -3.49
N LEU A 143 -2.94 8.07 -4.12
CA LEU A 143 -2.92 6.78 -4.80
C LEU A 143 -3.22 5.65 -3.82
N ARG A 144 -2.65 5.71 -2.62
CA ARG A 144 -2.94 4.68 -1.61
C ARG A 144 -4.41 4.72 -1.18
N ALA A 145 -4.98 5.92 -1.01
CA ALA A 145 -6.41 6.00 -0.67
C ALA A 145 -7.27 5.43 -1.81
N ILE A 146 -6.86 5.63 -3.07
CA ILE A 146 -7.59 5.05 -4.19
C ILE A 146 -7.55 3.53 -4.12
N VAL A 147 -6.36 2.97 -3.84
CA VAL A 147 -6.21 1.52 -3.69
C VAL A 147 -7.10 1.02 -2.54
N LEU A 148 -7.04 1.72 -1.41
CA LEU A 148 -7.85 1.34 -0.26
C LEU A 148 -9.32 1.26 -0.62
N PHE A 149 -9.87 2.32 -1.22
CA PHE A 149 -11.26 2.36 -1.65
C PHE A 149 -11.43 1.59 -2.97
N ASN A 150 -11.25 0.28 -2.91
CA ASN A 150 -11.33 -0.53 -4.13
C ASN A 150 -12.73 -1.12 -4.24
N PRO A 151 -13.59 -0.63 -5.14
CA PRO A 151 -14.98 -1.07 -5.15
C PRO A 151 -15.17 -2.43 -5.78
N ASP A 152 -14.11 -3.04 -6.32
CA ASP A 152 -14.20 -4.40 -6.85
C ASP A 152 -13.92 -5.46 -5.79
N SER A 153 -13.58 -5.07 -4.56
CA SER A 153 -13.33 -6.04 -3.51
C SER A 153 -14.57 -6.90 -3.27
N LYS A 154 -14.39 -8.21 -3.18
CA LYS A 154 -15.51 -9.14 -3.19
C LYS A 154 -16.21 -9.14 -1.83
N GLY A 155 -17.55 -9.10 -1.88
CA GLY A 155 -18.34 -9.17 -0.68
C GLY A 155 -18.71 -7.85 -0.04
N LEU A 156 -18.33 -6.71 -0.62
CA LEU A 156 -18.74 -5.43 -0.04
C LEU A 156 -20.25 -5.32 0.06
N SER A 157 -20.74 -4.74 1.17
CA SER A 157 -22.18 -4.60 1.37
C SER A 157 -22.80 -3.68 0.33
N ASN A 158 -22.10 -2.62 -0.08
CA ASN A 158 -22.62 -1.72 -1.10
C ASN A 158 -21.43 -1.17 -1.88
N PRO A 159 -20.98 -1.91 -2.91
CA PRO A 159 -19.76 -1.50 -3.65
C PRO A 159 -19.75 -0.05 -4.11
N ALA A 160 -20.91 0.46 -4.52
CA ALA A 160 -20.99 1.82 -5.04
C ALA A 160 -20.63 2.87 -4.00
N GLU A 161 -20.87 2.60 -2.70
CA GLU A 161 -20.42 3.50 -1.64
C GLU A 161 -18.90 3.60 -1.63
N VAL A 162 -18.22 2.50 -1.95
CA VAL A 162 -16.77 2.56 -2.02
C VAL A 162 -16.33 3.27 -3.30
N GLU A 163 -17.01 3.01 -4.42
CA GLU A 163 -16.72 3.78 -5.63
C GLU A 163 -16.93 5.27 -5.40
N ALA A 164 -17.98 5.64 -4.62
CA ALA A 164 -18.24 7.06 -4.34
C ALA A 164 -17.04 7.71 -3.64
N LEU A 165 -16.43 7.00 -2.69
CA LEU A 165 -15.33 7.60 -1.95
C LEU A 165 -14.09 7.66 -2.82
N ARG A 166 -13.87 6.61 -3.60
CA ARG A 166 -12.79 6.62 -4.56
C ARG A 166 -12.87 7.85 -5.47
N GLU A 167 -14.06 8.15 -6.00
CA GLU A 167 -14.21 9.28 -6.91
C GLU A 167 -13.90 10.62 -6.22
N LYS A 168 -14.19 10.73 -4.92
CA LYS A 168 -13.87 11.96 -4.20
C LYS A 168 -12.37 12.10 -4.02
N VAL A 169 -11.67 10.99 -3.78
CA VAL A 169 -10.22 11.03 -3.65
C VAL A 169 -9.58 11.51 -4.96
N TYR A 170 -9.98 10.93 -6.08
CA TYR A 170 -9.26 11.31 -7.29
C TYR A 170 -9.68 12.68 -7.81
N ALA A 171 -10.88 13.15 -7.48
CA ALA A 171 -11.21 14.55 -7.75
C ALA A 171 -10.25 15.47 -7.00
N SER A 172 -10.04 15.18 -5.71
CA SER A 172 -9.14 15.99 -4.90
C SER A 172 -7.69 15.90 -5.39
N LEU A 173 -7.28 14.71 -5.84
CA LEU A 173 -5.92 14.53 -6.34
C LEU A 173 -5.71 15.37 -7.59
N GLU A 174 -6.66 15.32 -8.52
CA GLU A 174 -6.49 16.07 -9.77
C GLU A 174 -6.37 17.57 -9.50
N ALA A 175 -7.23 18.10 -8.63
CA ALA A 175 -7.16 19.54 -8.35
C ALA A 175 -5.83 19.89 -7.70
N TYR A 176 -5.30 18.99 -6.86
CA TYR A 176 -4.01 19.23 -6.21
C TYR A 176 -2.88 19.29 -7.24
N CYS A 177 -2.83 18.31 -8.14
CA CYS A 177 -1.80 18.28 -9.17
C CYS A 177 -1.87 19.49 -10.07
N LYS A 178 -3.09 19.86 -10.48
CA LYS A 178 -3.26 20.98 -11.41
C LYS A 178 -2.86 22.29 -10.77
N HIS A 179 -3.04 22.42 -9.45
CA HIS A 179 -2.60 23.65 -8.77
C HIS A 179 -1.10 23.69 -8.56
N LYS A 180 -0.52 22.58 -8.09
CA LYS A 180 0.89 22.58 -7.72
C LYS A 180 1.79 22.44 -8.93
N TYR A 181 1.33 21.73 -9.98
CA TYR A 181 2.12 21.39 -11.16
C TYR A 181 1.38 21.73 -12.46
N PRO A 182 0.94 22.98 -12.61
CA PRO A 182 0.20 23.33 -13.84
C PRO A 182 1.05 23.19 -15.08
N GLU A 183 2.38 23.25 -14.97
CA GLU A 183 3.22 23.06 -16.14
C GLU A 183 3.27 21.60 -16.57
N GLN A 184 2.67 20.67 -15.82
CA GLN A 184 2.67 19.25 -16.12
C GLN A 184 1.23 18.76 -16.26
N PRO A 185 0.55 19.11 -17.35
CA PRO A 185 -0.88 18.74 -17.48
C PRO A 185 -1.14 17.25 -17.46
N GLY A 186 -0.23 16.42 -17.96
CA GLY A 186 -0.44 14.98 -17.91
C GLY A 186 -0.13 14.29 -16.60
N ARG A 187 0.15 15.04 -15.52
CA ARG A 187 0.74 14.43 -14.32
C ARG A 187 -0.27 13.57 -13.58
N PHE A 188 -1.52 14.04 -13.50
CA PHE A 188 -2.57 13.28 -12.82
C PHE A 188 -2.77 11.89 -13.46
N ALA A 189 -2.85 11.83 -14.78
CA ALA A 189 -3.02 10.53 -15.42
C ALA A 189 -1.76 9.68 -15.26
N LYS A 190 -0.58 10.30 -15.31
CA LYS A 190 0.66 9.58 -15.13
C LYS A 190 0.67 8.86 -13.78
N LEU A 191 0.18 9.53 -12.73
CA LEU A 191 0.08 8.91 -11.41
C LEU A 191 -0.86 7.71 -11.44
N LEU A 192 -2.07 7.90 -11.97
CA LEU A 192 -3.04 6.81 -11.96
C LEU A 192 -2.57 5.64 -12.79
N LEU A 193 -1.73 5.89 -13.80
CA LEU A 193 -1.28 4.83 -14.68
C LEU A 193 -0.06 4.09 -14.13
N ARG A 194 0.32 4.33 -12.86
CA ARG A 194 1.20 3.38 -12.17
C ARG A 194 0.42 2.30 -11.43
N LEU A 195 -0.92 2.42 -11.34
CA LEU A 195 -1.75 1.46 -10.60
C LEU A 195 -1.82 0.07 -11.26
N PRO A 196 -1.86 -0.07 -12.61
CA PRO A 196 -1.77 -1.45 -13.17
C PRO A 196 -0.46 -2.17 -12.79
N ALA A 197 0.68 -1.47 -12.87
CA ALA A 197 1.95 -2.03 -12.40
C ALA A 197 1.86 -2.44 -10.93
N LEU A 198 1.36 -1.55 -10.07
CA LEU A 198 1.21 -1.90 -8.65
C LEU A 198 0.33 -3.14 -8.47
N ARG A 199 -0.73 -3.27 -9.28
CA ARG A 199 -1.59 -4.44 -9.17
C ARG A 199 -0.85 -5.71 -9.60
N SER A 200 -0.14 -5.67 -10.73
CA SER A 200 0.68 -6.81 -11.13
C SER A 200 1.63 -7.20 -10.03
N ILE A 201 2.34 -6.21 -9.50
CA ILE A 201 3.46 -6.50 -8.61
C ILE A 201 2.93 -6.98 -7.27
N GLY A 202 1.81 -6.41 -6.82
CA GLY A 202 1.18 -6.90 -5.59
C GLY A 202 0.75 -8.36 -5.69
N LEU A 203 0.17 -8.76 -6.83
CA LEU A 203 -0.21 -10.15 -7.02
C LEU A 203 1.00 -11.09 -6.91
N LYS A 204 2.14 -10.70 -7.49
CA LYS A 204 3.29 -11.60 -7.52
C LYS A 204 3.98 -11.68 -6.16
N CYS A 205 4.07 -10.55 -5.46
CA CYS A 205 4.57 -10.58 -4.10
C CYS A 205 3.72 -11.47 -3.21
N LEU A 206 2.40 -11.45 -3.41
CA LEU A 206 1.52 -12.24 -2.55
C LEU A 206 1.71 -13.73 -2.80
N GLU A 207 1.92 -14.10 -4.07
CA GLU A 207 2.22 -15.47 -4.41
C GLU A 207 3.47 -15.96 -3.68
N HIS A 208 4.55 -15.18 -3.72
CA HIS A 208 5.75 -15.60 -2.97
C HIS A 208 5.47 -15.73 -1.48
N LEU A 209 4.71 -14.79 -0.91
CA LEU A 209 4.42 -14.85 0.52
C LEU A 209 3.65 -16.12 0.86
N PHE A 210 2.65 -16.48 0.05
CA PHE A 210 1.92 -17.71 0.33
C PHE A 210 2.84 -18.91 0.25
N PHE A 211 3.81 -18.88 -0.67
CA PHE A 211 4.77 -19.97 -0.77
C PHE A 211 5.64 -20.05 0.48
N PHE A 212 6.24 -18.93 0.89
CA PHE A 212 7.05 -18.94 2.12
C PHE A 212 6.29 -19.56 3.28
N LYS A 213 5.00 -19.21 3.41
CA LYS A 213 4.20 -19.74 4.51
C LYS A 213 3.97 -21.23 4.33
N LEU A 214 3.67 -21.67 3.09
CA LEU A 214 3.36 -23.07 2.84
C LEU A 214 4.50 -24.00 3.24
N ILE A 215 5.74 -23.60 2.97
CA ILE A 215 6.89 -24.44 3.28
C ILE A 215 7.43 -24.22 4.70
N GLY A 216 6.81 -23.34 5.48
CA GLY A 216 7.18 -23.18 6.87
C GLY A 216 8.37 -22.28 7.12
N ASP A 217 8.62 -21.30 6.23
CA ASP A 217 9.73 -20.35 6.37
C ASP A 217 9.31 -19.03 7.01
N THR A 218 8.05 -18.89 7.41
CA THR A 218 7.59 -17.61 7.96
C THR A 218 7.46 -17.67 9.48
N PRO A 219 7.59 -16.53 10.16
CA PRO A 219 7.23 -16.47 11.58
C PRO A 219 5.77 -16.84 11.78
N ILE A 220 5.49 -17.47 12.92
CA ILE A 220 4.19 -18.02 13.25
C ILE A 220 3.45 -17.07 14.19
N ASP A 221 2.11 -17.21 14.24
CA ASP A 221 1.24 -16.56 15.23
C ASP A 221 1.23 -15.04 15.09
N THR A 222 1.25 -14.55 13.86
CA THR A 222 1.37 -13.14 13.59
C THR A 222 0.13 -12.59 12.89
N PHE A 223 -0.01 -11.27 12.90
CA PHE A 223 -0.97 -10.58 12.04
C PHE A 223 -0.74 -10.96 10.57
N LEU A 224 0.52 -11.06 10.15
CA LEU A 224 0.78 -11.43 8.76
C LEU A 224 0.17 -12.79 8.41
N MET A 225 0.31 -13.77 9.31
CA MET A 225 -0.26 -15.09 9.07
C MET A 225 -1.77 -15.00 8.86
N GLU A 226 -2.44 -14.12 9.61
CA GLU A 226 -3.88 -13.95 9.40
C GLU A 226 -4.17 -13.42 7.99
N MET A 227 -3.46 -12.39 7.56
CA MET A 227 -3.69 -11.86 6.23
C MET A 227 -3.49 -12.91 5.14
N LEU A 228 -2.75 -13.98 5.42
CA LEU A 228 -2.52 -14.99 4.40
C LEU A 228 -3.44 -16.19 4.67
N HIS B 8 -10.58 -13.59 10.69
CA HIS B 8 -9.95 -12.28 10.62
C HIS B 8 -10.04 -11.57 11.97
N LYS B 9 -9.83 -12.34 13.03
CA LYS B 9 -10.02 -11.84 14.39
C LYS B 9 -9.14 -10.63 14.70
N ILE B 10 -7.87 -10.65 14.27
CA ILE B 10 -6.95 -9.57 14.63
C ILE B 10 -7.36 -8.27 13.95
N LEU B 11 -7.55 -8.33 12.62
CA LEU B 11 -7.93 -7.13 11.87
C LEU B 11 -9.25 -6.56 12.38
N HIS B 12 -10.24 -7.42 12.60
CA HIS B 12 -11.54 -6.97 13.04
C HIS B 12 -11.44 -6.25 14.40
N ARG B 13 -10.62 -6.78 15.32
CA ARG B 13 -10.38 -6.11 16.59
C ARG B 13 -9.66 -4.77 16.39
N LEU B 14 -8.55 -4.78 15.64
CA LEU B 14 -7.74 -3.57 15.46
C LEU B 14 -8.56 -2.41 14.91
N LEU B 15 -9.50 -2.70 14.01
CA LEU B 15 -10.31 -1.63 13.44
C LEU B 15 -11.23 -0.97 14.46
N GLN B 16 -11.49 -1.61 15.60
CA GLN B 16 -12.51 -1.11 16.52
C GLN B 16 -11.88 -0.19 17.56
N GLU B 17 -12.53 0.95 17.80
CA GLU B 17 -12.04 1.99 18.70
C GLU B 17 -12.23 1.59 20.17
N GLY B 18 -11.49 2.26 21.05
CA GLY B 18 -11.63 2.12 22.48
C GLY B 18 -10.62 1.23 23.17
N SER B 19 -9.48 0.90 22.53
CA SER B 19 -8.38 0.02 22.96
C SER B 19 -7.39 0.78 23.84
N PRO B 20 -6.87 0.18 24.93
CA PRO B 20 -5.92 0.86 25.83
C PRO B 20 -4.63 1.36 25.14
N3 A1JL8 C . 8.85 -7.84 -0.24
C4 A1JL8 C . 8.75 -8.83 -1.22
C5 A1JL8 C . 9.52 -8.77 -2.37
C6 A1JL8 C . 10.51 -7.61 -2.62
C7 A1JL8 C . 9.41 -9.75 -3.33
C8 A1JL8 C . 8.54 -10.82 -3.16
C10 A1JL8 C . 7.88 -9.92 -1.03
N12 A1JL8 C . 8.16 -6.53 1.56
C13 A1JL8 C . 7.26 -5.96 2.33
C15 A1JL8 C . 5.56 -6.86 1.11
C20 A1JL8 C . 7.74 -2.27 4.44
C28 A1JL8 C . 10.00 -6.80 -3.82
C1 A1JL8 C . 10.66 -6.63 -1.46
C11 A1JL8 C . 7.80 -7.27 0.54
C16 A1JL8 C . 6.45 -7.48 0.26
C18 A1JL8 C . 6.91 -4.59 4.42
C19 A1JL8 C . 6.56 -3.16 4.10
C2 A1JL8 C . 10.07 -7.07 -0.13
C23 A1JL8 C . 4.09 -7.04 0.86
C27 A1JL8 C . 11.89 -8.18 -2.93
C9 A1JL8 C . 7.76 -10.91 -1.99
F24 A1JL8 C . 3.49 -5.83 0.72
F25 A1JL8 C . 3.59 -7.76 1.89
F26 A1JL8 C . 3.84 -7.75 -0.29
N14 A1JL8 C . 5.97 -6.11 2.13
N17 A1JL8 C . 7.77 -5.16 3.41
O21 A1JL8 C . 8.82 -2.76 4.86
O22 A1JL8 C . 7.65 -1.01 4.29
#